data_3KZT
#
_entry.id   3KZT
#
_cell.length_a   43.698
_cell.length_b   46.261
_cell.length_c   130.533
_cell.angle_alpha   90.00
_cell.angle_beta   90.00
_cell.angle_gamma   90.00
#
_symmetry.space_group_name_H-M   'P 21 21 21'
#
loop_
_entity.id
_entity.type
_entity.pdbx_description
1 polymer 'uncharacterized protein'
2 non-polymer 1,2-ETHANEDIOL
3 non-polymer 'SULFATE ION'
4 water water
#
_entity_poly.entity_id   1
_entity_poly.type   'polypeptide(L)'
_entity_poly.pdbx_seq_one_letter_code
;GKN(MSE)DTSAEPADVQANVSDSSRIEQEAIG(MSE)IEDFYEAYAASF(MSE)STGKEALALGDSIKQKFLTKELIEK
VDRLIEATDADPIIRAQDLGEND(MSE)KTLSVKHLNDNWYEVNYTSAKGSQYERAVSIPVRVVNVDGQYLIDDITPEN
;
_entity_poly.pdbx_strand_id   A,B
#
# COMPACT_ATOMS: atom_id res chain seq x y z
N ALA A 11 -3.51 -24.22 34.96
CA ALA A 11 -4.29 -23.17 34.23
C ALA A 11 -3.36 -22.27 33.38
N ASP A 12 -2.50 -21.50 34.09
CA ASP A 12 -1.57 -20.48 33.50
C ASP A 12 -2.29 -19.45 32.60
N VAL A 13 -2.97 -18.50 33.25
CA VAL A 13 -3.73 -17.47 32.55
C VAL A 13 -2.84 -16.53 31.73
N GLN A 14 -1.77 -16.02 32.34
CA GLN A 14 -0.86 -15.06 31.68
C GLN A 14 -0.21 -15.60 30.41
N ALA A 15 0.24 -16.86 30.44
CA ALA A 15 0.85 -17.51 29.27
C ALA A 15 -0.17 -17.72 28.16
N ASN A 16 -1.36 -18.25 28.51
CA ASN A 16 -2.50 -18.41 27.56
C ASN A 16 -2.91 -17.07 26.93
N VAL A 17 -3.02 -16.04 27.75
CA VAL A 17 -3.42 -14.70 27.31
C VAL A 17 -2.40 -14.02 26.38
N SER A 18 -1.14 -13.98 26.82
CA SER A 18 -0.07 -13.34 26.01
C SER A 18 0.23 -14.11 24.69
N ASP A 19 0.19 -15.46 24.73
CA ASP A 19 0.27 -16.28 23.49
C ASP A 19 -0.89 -16.00 22.55
N SER A 20 -2.12 -15.98 23.09
CA SER A 20 -3.32 -15.66 22.29
C SER A 20 -3.23 -14.26 21.67
N SER A 21 -2.79 -13.29 22.48
CA SER A 21 -2.62 -11.90 21.99
C SER A 21 -1.53 -11.78 20.91
N ARG A 22 -0.40 -12.46 21.12
CA ARG A 22 0.72 -12.46 20.16
CA ARG A 22 0.72 -12.45 20.17
C ARG A 22 0.30 -13.07 18.83
N ILE A 23 -0.26 -14.28 18.90
CA ILE A 23 -0.68 -15.04 17.70
CA ILE A 23 -0.68 -15.03 17.70
C ILE A 23 -1.74 -14.26 16.89
N GLU A 24 -2.69 -13.65 17.58
CA GLU A 24 -3.72 -12.80 16.93
C GLU A 24 -3.12 -11.60 16.22
N GLN A 25 -2.13 -10.94 16.86
CA GLN A 25 -1.42 -9.80 16.24
C GLN A 25 -0.58 -10.22 15.04
N GLU A 26 0.03 -11.43 15.10
CA GLU A 26 0.74 -12.00 13.96
C GLU A 26 -0.21 -12.24 12.77
N ALA A 27 -1.39 -12.81 13.06
CA ALA A 27 -2.43 -13.08 12.05
C ALA A 27 -2.93 -11.77 11.45
N ILE A 28 -3.24 -10.79 12.32
CA ILE A 28 -3.63 -9.44 11.90
C ILE A 28 -2.57 -8.81 10.94
N GLY A 29 -1.27 -8.90 11.31
CA GLY A 29 -0.14 -8.42 10.49
C GLY A 29 -0.11 -9.00 9.07
N ILE A 31 -2.80 -10.38 7.45
CA ILE A 31 -4.05 -9.88 6.81
C ILE A 31 -3.85 -8.44 6.30
N GLU A 32 -3.29 -7.59 7.16
CA GLU A 32 -2.91 -6.20 6.76
C GLU A 32 -1.98 -6.15 5.55
N ASP A 33 -0.96 -7.02 5.54
CA ASP A 33 0.01 -7.12 4.40
C ASP A 33 -0.66 -7.54 3.12
N PHE A 34 -1.56 -8.53 3.22
CA PHE A 34 -2.34 -8.98 2.06
C PHE A 34 -3.16 -7.84 1.45
N TYR A 35 -3.96 -7.16 2.28
CA TYR A 35 -4.84 -6.08 1.80
C TYR A 35 -4.10 -4.85 1.24
N GLU A 36 -2.99 -4.48 1.86
CA GLU A 36 -2.16 -3.37 1.35
C GLU A 36 -1.49 -3.74 0.01
N ALA A 37 -0.95 -4.96 -0.09
CA ALA A 37 -0.33 -5.48 -1.33
C ALA A 37 -1.37 -5.63 -2.44
N TYR A 38 -2.51 -6.25 -2.11
CA TYR A 38 -3.61 -6.45 -3.06
C TYR A 38 -4.19 -5.12 -3.57
N ALA A 39 -4.42 -4.17 -2.66
CA ALA A 39 -4.92 -2.80 -3.01
C ALA A 39 -4.04 -2.06 -4.00
N ALA A 40 -2.72 -2.20 -3.86
CA ALA A 40 -1.76 -1.58 -4.79
C ALA A 40 -1.88 -2.11 -6.23
N SER A 41 -2.32 -3.37 -6.40
CA SER A 41 -2.55 -3.94 -7.74
C SER A 41 -3.66 -3.22 -8.55
N PHE A 42 -4.60 -2.56 -7.86
CA PHE A 42 -5.61 -1.73 -8.51
C PHE A 42 -5.06 -0.40 -9.10
N SER A 44 -2.48 -0.12 -11.24
CA SER A 44 -2.19 -0.41 -12.67
C SER A 44 -3.53 -0.64 -13.42
N THR A 45 -3.60 -0.18 -14.68
CA THR A 45 -4.80 -0.35 -15.56
C THR A 45 -4.44 -1.16 -16.81
N GLY A 46 -3.76 -2.31 -16.60
CA GLY A 46 -3.35 -3.23 -17.69
C GLY A 46 -3.29 -4.68 -17.17
N LYS A 47 -2.90 -5.63 -18.05
CA LYS A 47 -2.81 -7.10 -17.71
C LYS A 47 -2.03 -7.40 -16.42
N GLU A 48 -0.99 -6.59 -16.17
CA GLU A 48 -0.19 -6.64 -14.93
C GLU A 48 -0.98 -6.38 -13.64
N ALA A 49 -2.09 -5.62 -13.72
CA ALA A 49 -2.98 -5.36 -12.56
C ALA A 49 -3.56 -6.69 -12.07
N LEU A 50 -4.21 -7.41 -12.99
CA LEU A 50 -4.76 -8.76 -12.70
C LEU A 50 -3.66 -9.77 -12.38
N ALA A 51 -2.55 -9.71 -13.12
CA ALA A 51 -1.40 -10.60 -12.89
C ALA A 51 -0.87 -10.49 -11.46
N LEU A 52 -0.68 -9.26 -10.98
CA LEU A 52 -0.21 -9.04 -9.61
C LEU A 52 -1.28 -9.41 -8.59
N GLY A 53 -2.53 -9.01 -8.85
CA GLY A 53 -3.66 -9.38 -8.00
C GLY A 53 -3.78 -10.88 -7.80
N ASP A 54 -3.66 -11.63 -8.90
CA ASP A 54 -3.67 -13.10 -8.84
C ASP A 54 -2.43 -13.65 -8.13
N SER A 55 -1.24 -13.07 -8.43
CA SER A 55 0.04 -13.47 -7.71
C SER A 55 -0.08 -13.31 -6.20
N ILE A 56 -0.64 -12.18 -5.76
CA ILE A 56 -0.86 -11.90 -4.35
C ILE A 56 -1.88 -12.88 -3.73
N LYS A 57 -2.96 -13.17 -4.45
CA LYS A 57 -3.96 -14.18 -4.02
C LYS A 57 -3.34 -15.58 -3.93
N GLN A 58 -2.47 -15.93 -4.88
CA GLN A 58 -1.73 -17.22 -4.83
C GLN A 58 -0.80 -17.30 -3.58
N LYS A 59 -0.21 -16.16 -3.19
CA LYS A 59 0.69 -16.10 -2.02
CA LYS A 59 0.69 -16.08 -2.02
C LYS A 59 -0.07 -16.16 -0.69
N PHE A 60 -1.04 -15.28 -0.52
CA PHE A 60 -1.78 -15.13 0.76
C PHE A 60 -3.00 -16.00 1.03
N LEU A 61 -3.67 -16.50 -0.03
CA LEU A 61 -4.91 -17.32 0.11
C LEU A 61 -4.66 -18.80 -0.23
N THR A 62 -5.43 -19.70 0.39
CA THR A 62 -5.34 -21.15 0.09
C THR A 62 -5.99 -21.44 -1.27
N LYS A 63 -5.67 -22.61 -1.84
CA LYS A 63 -6.26 -23.10 -3.11
C LYS A 63 -7.80 -23.18 -3.05
N GLU A 64 -8.32 -23.57 -1.87
CA GLU A 64 -9.77 -23.70 -1.63
CA GLU A 64 -9.77 -23.70 -1.66
C GLU A 64 -10.47 -22.34 -1.67
N LEU A 65 -9.88 -21.33 -0.99
CA LEU A 65 -10.45 -19.96 -0.95
C LEU A 65 -10.42 -19.25 -2.32
N ILE A 66 -9.31 -19.41 -3.07
CA ILE A 66 -9.16 -18.85 -4.44
C ILE A 66 -10.28 -19.36 -5.39
N GLU A 67 -10.61 -20.65 -5.27
CA GLU A 67 -11.75 -21.26 -6.00
C GLU A 67 -13.09 -20.68 -5.53
N LYS A 68 -13.26 -20.49 -4.21
CA LYS A 68 -14.47 -19.83 -3.66
C LYS A 68 -14.59 -18.35 -4.12
N VAL A 69 -13.45 -17.66 -4.27
CA VAL A 69 -13.43 -16.27 -4.79
C VAL A 69 -13.89 -16.23 -6.26
N ASP A 70 -13.50 -17.24 -7.06
CA ASP A 70 -13.99 -17.36 -8.45
C ASP A 70 -15.50 -17.57 -8.51
N ARG A 71 -16.04 -18.43 -7.62
CA ARG A 71 -17.51 -18.65 -7.51
CA ARG A 71 -17.49 -18.65 -7.56
C ARG A 71 -18.23 -17.34 -7.18
N LEU A 72 -17.70 -16.62 -6.20
CA LEU A 72 -18.28 -15.32 -5.78
C LEU A 72 -18.13 -14.22 -6.87
N ILE A 73 -17.00 -14.22 -7.60
CA ILE A 73 -16.80 -13.34 -8.79
C ILE A 73 -17.87 -13.65 -9.85
N GLU A 74 -18.18 -14.93 -10.06
CA GLU A 74 -19.26 -15.36 -10.96
C GLU A 74 -20.68 -15.07 -10.41
N ALA A 75 -20.87 -15.21 -9.09
CA ALA A 75 -22.20 -14.99 -8.44
C ALA A 75 -22.55 -13.49 -8.34
N THR A 76 -21.62 -12.71 -7.77
CA THR A 76 -21.76 -11.25 -7.69
C THR A 76 -21.09 -10.67 -8.95
N ASP A 77 -21.03 -9.35 -9.07
CA ASP A 77 -20.30 -8.67 -10.15
C ASP A 77 -19.37 -7.71 -9.44
N ALA A 78 -18.63 -8.26 -8.47
CA ALA A 78 -17.76 -7.49 -7.62
C ALA A 78 -16.67 -8.38 -7.08
N ASP A 79 -15.58 -7.76 -6.64
CA ASP A 79 -14.46 -8.48 -6.07
C ASP A 79 -14.88 -8.83 -4.61
N PRO A 80 -15.06 -10.14 -4.28
CA PRO A 80 -15.43 -10.49 -2.89
C PRO A 80 -14.37 -10.13 -1.78
N ILE A 81 -13.09 -10.00 -2.17
CA ILE A 81 -12.02 -9.65 -1.23
CA ILE A 81 -12.01 -9.64 -1.22
C ILE A 81 -12.23 -8.22 -0.66
N ILE A 82 -12.57 -7.28 -1.55
CA ILE A 82 -12.87 -5.85 -1.18
C ILE A 82 -14.38 -5.48 -1.14
N ARG A 83 -15.26 -6.40 -1.58
CA ARG A 83 -16.73 -6.15 -1.72
C ARG A 83 -16.98 -4.87 -2.53
N ALA A 84 -16.32 -4.80 -3.69
CA ALA A 84 -16.38 -3.65 -4.57
C ALA A 84 -15.81 -4.05 -5.92
N GLN A 85 -16.05 -3.22 -6.92
CA GLN A 85 -15.47 -3.42 -8.27
C GLN A 85 -14.04 -2.88 -8.35
N ASP A 86 -13.80 -1.74 -7.68
CA ASP A 86 -12.54 -1.05 -7.71
C ASP A 86 -12.37 -0.33 -6.35
N LEU A 87 -11.17 0.18 -6.12
CA LEU A 87 -10.84 0.92 -4.91
C LEU A 87 -10.52 2.35 -5.27
N GLY A 88 -11.05 3.29 -4.49
CA GLY A 88 -10.62 4.67 -4.52
C GLY A 88 -9.25 4.69 -3.85
N GLU A 89 -8.40 5.63 -4.22
CA GLU A 89 -7.01 5.69 -3.68
C GLU A 89 -6.90 5.99 -2.14
N ASN A 90 -7.94 6.63 -1.56
CA ASN A 90 -8.01 6.86 -0.08
C ASN A 90 -8.67 5.72 0.75
N ASP A 91 -9.15 4.65 0.08
CA ASP A 91 -9.92 3.58 0.77
C ASP A 91 -9.09 2.77 1.77
N LYS A 93 -6.36 3.60 3.33
CA LYS A 93 -5.85 4.38 4.47
CA LYS A 93 -5.88 4.42 4.47
C LYS A 93 -6.74 4.19 5.72
N THR A 94 -8.02 3.82 5.52
CA THR A 94 -8.96 3.49 6.63
C THR A 94 -8.95 1.98 7.01
N LEU A 95 -8.00 1.18 6.47
CA LEU A 95 -7.94 -0.25 6.77
C LEU A 95 -7.70 -0.51 8.27
N SER A 96 -8.48 -1.41 8.83
CA SER A 96 -8.41 -1.78 10.25
C SER A 96 -8.82 -3.24 10.34
N VAL A 97 -7.94 -4.09 10.87
CA VAL A 97 -8.21 -5.52 11.06
C VAL A 97 -8.27 -5.81 12.56
N LYS A 98 -9.20 -6.70 12.96
CA LYS A 98 -9.30 -7.11 14.35
C LYS A 98 -9.81 -8.54 14.46
N HIS A 99 -9.53 -9.16 15.60
CA HIS A 99 -9.94 -10.52 15.89
C HIS A 99 -11.42 -10.56 16.27
N LEU A 100 -12.14 -11.58 15.78
CA LEU A 100 -13.54 -11.82 16.12
C LEU A 100 -13.59 -12.92 17.18
N ASN A 101 -13.38 -14.16 16.74
CA ASN A 101 -13.41 -15.34 17.62
CA ASN A 101 -13.41 -15.32 17.62
C ASN A 101 -12.68 -16.47 16.92
N ASP A 102 -12.05 -17.35 17.69
CA ASP A 102 -11.32 -18.50 17.16
C ASP A 102 -10.30 -18.00 16.08
N ASN A 103 -10.33 -18.55 14.87
CA ASN A 103 -9.46 -18.09 13.79
C ASN A 103 -10.12 -17.05 12.82
N TRP A 104 -11.30 -16.50 13.19
CA TRP A 104 -11.98 -15.49 12.37
C TRP A 104 -11.52 -14.09 12.78
N TYR A 105 -11.32 -13.25 11.77
CA TYR A 105 -10.88 -11.85 11.92
C TYR A 105 -11.82 -11.04 11.03
N GLU A 106 -11.92 -9.75 11.28
CA GLU A 106 -12.79 -8.84 10.52
C GLU A 106 -11.91 -7.77 9.88
N VAL A 107 -12.01 -7.61 8.55
CA VAL A 107 -11.29 -6.58 7.79
C VAL A 107 -12.26 -5.43 7.55
N ASN A 108 -11.98 -4.29 8.19
CA ASN A 108 -12.82 -3.07 8.08
C ASN A 108 -12.13 -1.98 7.28
N TYR A 109 -12.87 -1.34 6.37
CA TYR A 109 -12.38 -0.17 5.63
C TYR A 109 -13.60 0.60 5.05
N THR A 110 -13.43 1.91 4.87
CA THR A 110 -14.47 2.77 4.33
C THR A 110 -14.22 2.97 2.82
N SER A 111 -15.16 2.51 1.99
CA SER A 111 -15.10 2.70 0.54
C SER A 111 -15.66 4.10 0.21
N ALA A 112 -14.96 4.83 -0.67
CA ALA A 112 -15.35 6.18 -1.12
C ALA A 112 -15.55 7.17 0.04
N LYS A 113 -14.56 7.21 0.94
CA LYS A 113 -14.61 8.03 2.14
C LYS A 113 -14.72 9.53 1.81
N GLY A 114 -15.71 10.19 2.40
CA GLY A 114 -15.98 11.62 2.17
C GLY A 114 -17.09 11.92 1.17
N SER A 115 -17.33 11.01 0.21
CA SER A 115 -18.35 11.22 -0.83
C SER A 115 -19.76 10.85 -0.39
N GLN A 116 -20.73 11.24 -1.23
CA GLN A 116 -22.14 10.90 -1.02
CA GLN A 116 -22.17 10.90 -1.11
C GLN A 116 -22.39 9.37 -1.12
N TYR A 117 -21.46 8.61 -1.73
CA TYR A 117 -21.55 7.13 -1.85
C TYR A 117 -20.65 6.39 -0.82
N GLU A 118 -20.24 7.07 0.27
CA GLU A 118 -19.39 6.49 1.33
C GLU A 118 -20.04 5.26 1.92
N ARG A 119 -19.28 4.16 2.01
CA ARG A 119 -19.80 2.85 2.42
C ARG A 119 -18.84 2.12 3.39
N ALA A 120 -19.33 1.75 4.57
CA ALA A 120 -18.55 0.97 5.54
C ALA A 120 -18.53 -0.49 5.07
N VAL A 121 -17.32 -1.03 4.84
CA VAL A 121 -17.14 -2.43 4.38
C VAL A 121 -16.56 -3.24 5.56
N SER A 122 -17.08 -4.47 5.74
CA SER A 122 -16.68 -5.36 6.84
CA SER A 122 -16.66 -5.37 6.84
C SER A 122 -16.69 -6.83 6.35
N ILE A 123 -15.49 -7.35 6.01
CA ILE A 123 -15.32 -8.74 5.52
C ILE A 123 -14.78 -9.66 6.64
N PRO A 124 -15.60 -10.67 7.09
CA PRO A 124 -15.00 -11.66 7.99
C PRO A 124 -14.05 -12.55 7.18
N VAL A 125 -12.82 -12.75 7.68
CA VAL A 125 -11.83 -13.63 7.03
C VAL A 125 -11.26 -14.61 8.08
N ARG A 126 -11.05 -15.87 7.65
CA ARG A 126 -10.52 -16.93 8.51
C ARG A 126 -9.06 -17.24 8.12
N VAL A 127 -8.22 -17.48 9.14
CA VAL A 127 -6.77 -17.66 8.99
C VAL A 127 -6.33 -19.08 9.40
N VAL A 128 -5.44 -19.70 8.62
CA VAL A 128 -4.83 -21.00 8.95
C VAL A 128 -3.31 -20.78 9.04
N ASN A 129 -2.65 -21.53 9.93
CA ASN A 129 -1.19 -21.52 10.03
C ASN A 129 -0.68 -22.84 9.45
N VAL A 130 0.15 -22.76 8.41
CA VAL A 130 0.78 -23.92 7.79
C VAL A 130 2.30 -23.75 7.97
N ASP A 131 2.90 -24.60 8.83
CA ASP A 131 4.37 -24.63 9.12
C ASP A 131 5.00 -23.24 9.40
N GLY A 132 4.31 -22.44 10.22
CA GLY A 132 4.73 -21.08 10.56
C GLY A 132 4.21 -19.95 9.69
N GLN A 133 3.70 -20.26 8.48
CA GLN A 133 3.14 -19.25 7.55
C GLN A 133 1.64 -19.10 7.76
N TYR A 134 1.17 -17.86 7.91
CA TYR A 134 -0.26 -17.54 8.03
C TYR A 134 -0.87 -17.33 6.64
N LEU A 135 -2.05 -17.92 6.41
CA LEU A 135 -2.77 -17.83 5.14
C LEU A 135 -4.24 -17.67 5.43
N ILE A 136 -4.97 -16.96 4.56
CA ILE A 136 -6.41 -16.80 4.70
C ILE A 136 -7.03 -18.02 4.00
N ASP A 137 -7.81 -18.82 4.71
CA ASP A 137 -8.47 -20.04 4.14
C ASP A 137 -9.98 -19.94 3.91
N ASP A 138 -10.61 -18.84 4.34
CA ASP A 138 -12.02 -18.58 4.05
C ASP A 138 -12.39 -17.09 4.23
N ILE A 139 -13.39 -16.63 3.47
CA ILE A 139 -14.00 -15.27 3.65
C ILE A 139 -15.51 -15.38 3.49
N THR A 140 -16.25 -14.46 4.13
CA THR A 140 -17.74 -14.32 3.96
C THR A 140 -18.45 -15.69 4.11
N PRO A 141 -18.48 -16.25 5.38
CA PRO A 141 -18.91 -17.63 5.72
C PRO A 141 -20.05 -18.27 4.89
N GLU A 142 -19.82 -19.54 4.45
CA GLU A 142 -20.80 -20.34 3.68
C GLU A 142 -21.20 -21.58 4.52
N ASP B 12 -1.70 40.76 -1.61
CA ASP B 12 -2.76 40.25 -0.68
C ASP B 12 -2.14 39.13 0.20
N VAL B 13 -1.89 39.46 1.48
CA VAL B 13 -1.23 38.56 2.46
C VAL B 13 -2.03 37.27 2.66
N GLN B 14 -3.30 37.42 3.01
CA GLN B 14 -4.16 36.28 3.32
C GLN B 14 -4.45 35.33 2.16
N ALA B 15 -4.71 35.89 0.97
CA ALA B 15 -4.94 35.08 -0.24
C ALA B 15 -3.68 34.27 -0.59
N ASN B 16 -2.50 34.93 -0.48
CA ASN B 16 -1.20 34.22 -0.66
C ASN B 16 -1.06 33.06 0.33
N VAL B 17 -1.35 33.32 1.61
CA VAL B 17 -1.27 32.29 2.67
C VAL B 17 -2.24 31.10 2.45
N SER B 18 -3.50 31.41 2.15
CA SER B 18 -4.54 30.37 1.92
C SER B 18 -4.28 29.54 0.67
N ASP B 19 -3.96 30.19 -0.44
CA ASP B 19 -3.63 29.47 -1.71
C ASP B 19 -2.36 28.64 -1.60
N SER B 20 -1.32 29.19 -0.96
CA SER B 20 -0.04 28.46 -0.74
C SER B 20 -0.21 27.23 0.15
N SER B 21 -0.95 27.37 1.23
CA SER B 21 -1.24 26.25 2.14
C SER B 21 -2.05 25.12 1.45
N ARG B 22 -3.07 25.51 0.66
CA ARG B 22 -3.93 24.56 -0.07
CA ARG B 22 -3.92 24.55 -0.07
C ARG B 22 -3.10 23.77 -1.08
N ILE B 23 -2.37 24.49 -1.93
CA ILE B 23 -1.54 23.89 -2.98
C ILE B 23 -0.42 23.00 -2.43
N GLU B 24 0.22 23.43 -1.33
CA GLU B 24 1.28 22.61 -0.68
C GLU B 24 0.71 21.29 -0.15
N GLN B 25 -0.47 21.35 0.49
CA GLN B 25 -1.18 20.13 0.95
C GLN B 25 -1.58 19.21 -0.21
N GLU B 26 -2.00 19.79 -1.37
CA GLU B 26 -2.33 18.99 -2.59
C GLU B 26 -1.07 18.30 -3.15
N ALA B 27 0.03 19.04 -3.18
CA ALA B 27 1.33 18.50 -3.59
C ALA B 27 1.79 17.41 -2.62
N ILE B 28 1.73 17.69 -1.31
CA ILE B 28 2.06 16.69 -0.25
C ILE B 28 1.17 15.43 -0.37
N GLY B 29 -0.14 15.62 -0.65
CA GLY B 29 -1.11 14.53 -0.85
C GLY B 29 -0.70 13.58 -1.97
N ILE B 31 2.44 13.23 -3.26
CA ILE B 31 3.73 12.61 -2.84
C ILE B 31 3.49 11.42 -1.89
N GLU B 32 2.60 11.62 -0.91
CA GLU B 32 2.20 10.54 0.01
C GLU B 32 1.60 9.34 -0.73
N ASP B 33 0.66 9.63 -1.64
CA ASP B 33 0.03 8.61 -2.54
C ASP B 33 1.05 7.84 -3.37
N PHE B 34 2.05 8.55 -3.90
CA PHE B 34 3.13 7.89 -4.67
C PHE B 34 3.94 6.93 -3.78
N TYR B 35 4.47 7.44 -2.67
CA TYR B 35 5.29 6.64 -1.75
C TYR B 35 4.57 5.46 -1.08
N GLU B 36 3.33 5.68 -0.66
CA GLU B 36 2.49 4.60 -0.09
C GLU B 36 2.19 3.50 -1.13
N ALA B 37 1.87 3.91 -2.36
CA ALA B 37 1.60 2.95 -3.48
C ALA B 37 2.86 2.22 -3.91
N TYR B 38 3.93 2.99 -4.14
CA TYR B 38 5.26 2.46 -4.52
C TYR B 38 5.80 1.48 -3.45
N ALA B 39 5.69 1.84 -2.17
CA ALA B 39 6.10 0.95 -1.05
C ALA B 39 5.31 -0.37 -1.04
N ALA B 40 4.01 -0.29 -1.35
CA ALA B 40 3.13 -1.48 -1.45
C ALA B 40 3.55 -2.46 -2.56
N SER B 41 4.19 -1.97 -3.63
CA SER B 41 4.72 -2.86 -4.69
C SER B 41 5.85 -3.81 -4.19
N PHE B 42 6.60 -3.39 -3.15
CA PHE B 42 7.66 -4.24 -2.54
C PHE B 42 7.11 -5.41 -1.72
N SER B 44 4.99 -7.56 -2.67
CA SER B 44 4.95 -8.69 -3.62
C SER B 44 6.33 -8.82 -4.29
N THR B 45 6.59 -9.99 -4.87
CA THR B 45 7.89 -10.35 -5.47
C THR B 45 7.72 -10.75 -6.95
N GLY B 46 8.82 -10.60 -7.73
CA GLY B 46 8.86 -11.00 -9.14
C GLY B 46 8.60 -9.88 -10.14
N LYS B 47 8.46 -10.27 -11.42
CA LYS B 47 8.20 -9.32 -12.54
C LYS B 47 6.91 -8.49 -12.39
N GLU B 48 5.89 -9.08 -11.76
CA GLU B 48 4.59 -8.43 -11.52
CA GLU B 48 4.61 -8.39 -11.54
C GLU B 48 4.73 -7.27 -10.51
N ALA B 49 5.58 -7.47 -9.49
CA ALA B 49 5.87 -6.40 -8.48
C ALA B 49 6.62 -5.23 -9.15
N LEU B 50 7.66 -5.55 -9.94
CA LEU B 50 8.45 -4.55 -10.68
CA LEU B 50 8.45 -4.54 -10.67
C LEU B 50 7.59 -3.79 -11.70
N ALA B 51 6.71 -4.53 -12.41
CA ALA B 51 5.77 -3.94 -13.39
C ALA B 51 4.83 -2.90 -12.72
N LEU B 52 4.35 -3.21 -11.51
CA LEU B 52 3.52 -2.28 -10.72
C LEU B 52 4.33 -1.04 -10.33
N GLY B 53 5.57 -1.26 -9.84
CA GLY B 53 6.50 -0.17 -9.51
C GLY B 53 6.68 0.79 -10.68
N ASP B 54 6.90 0.23 -11.87
CA ASP B 54 7.02 1.03 -13.11
C ASP B 54 5.72 1.75 -13.49
N SER B 55 4.57 1.06 -13.32
CA SER B 55 3.23 1.70 -13.53
C SER B 55 2.99 2.86 -12.60
N ILE B 56 3.33 2.66 -11.31
CA ILE B 56 3.21 3.72 -10.30
CA ILE B 56 3.21 3.72 -10.30
C ILE B 56 4.11 4.91 -10.68
N LYS B 57 5.36 4.62 -11.07
CA LYS B 57 6.31 5.68 -11.53
C LYS B 57 5.74 6.48 -12.73
N GLN B 58 5.18 5.78 -13.72
CA GLN B 58 4.56 6.42 -14.92
CA GLN B 58 4.57 6.46 -14.91
C GLN B 58 3.41 7.37 -14.51
N LYS B 59 2.59 6.92 -13.55
CA LYS B 59 1.47 7.71 -13.03
C LYS B 59 1.94 8.99 -12.29
N PHE B 60 2.93 8.84 -11.39
CA PHE B 60 3.38 9.93 -10.50
C PHE B 60 4.64 10.73 -10.92
N LEU B 61 5.56 10.11 -11.68
CA LEU B 61 6.84 10.78 -12.13
C LEU B 61 6.81 11.22 -13.59
N THR B 62 7.51 12.32 -13.90
CA THR B 62 7.64 12.83 -15.28
C THR B 62 8.57 11.93 -16.07
N LYS B 63 8.46 12.01 -17.40
CA LYS B 63 9.32 11.22 -18.32
C LYS B 63 10.82 11.49 -18.12
N GLU B 64 11.17 12.75 -17.82
CA GLU B 64 12.57 13.16 -17.59
CA GLU B 64 12.57 13.16 -17.58
C GLU B 64 13.11 12.56 -16.28
N LEU B 65 12.28 12.59 -15.23
CA LEU B 65 12.67 12.01 -13.92
C LEU B 65 12.83 10.49 -13.96
N ILE B 66 11.93 9.80 -14.68
CA ILE B 66 12.02 8.34 -14.86
C ILE B 66 13.34 7.96 -15.58
N GLU B 67 13.72 8.77 -16.58
CA GLU B 67 15.01 8.63 -17.25
C GLU B 67 16.18 8.90 -16.29
N LYS B 68 16.06 9.91 -15.40
CA LYS B 68 17.09 10.16 -14.35
C LYS B 68 17.20 9.00 -13.34
N VAL B 69 16.06 8.45 -12.91
CA VAL B 69 16.02 7.31 -11.97
C VAL B 69 16.65 6.04 -12.59
N ASP B 70 16.36 5.76 -13.87
CA ASP B 70 17.00 4.64 -14.61
C ASP B 70 18.53 4.80 -14.66
N ARG B 71 19.01 6.05 -14.85
CA ARG B 71 20.46 6.35 -14.83
CA ARG B 71 20.46 6.33 -14.84
C ARG B 71 21.04 6.06 -13.44
N LEU B 72 20.36 6.53 -12.38
CA LEU B 72 20.78 6.29 -10.98
C LEU B 72 20.67 4.79 -10.55
N ILE B 73 19.76 4.04 -11.20
CA ILE B 73 19.67 2.57 -11.02
C ILE B 73 20.97 1.90 -11.53
N GLU B 74 21.45 2.32 -12.72
CA GLU B 74 22.75 1.85 -13.28
CA GLU B 74 22.74 1.83 -13.28
C GLU B 74 23.94 2.39 -12.50
N ALA B 75 23.88 3.68 -12.14
CA ALA B 75 24.99 4.36 -11.41
C ALA B 75 25.21 3.89 -9.97
N THR B 76 24.12 3.65 -9.23
CA THR B 76 24.16 3.23 -7.80
C THR B 76 23.71 1.75 -7.66
N ASP B 77 23.73 1.25 -6.42
CA ASP B 77 23.28 -0.13 -6.08
C ASP B 77 22.10 -0.06 -5.10
N ALA B 78 21.23 0.92 -5.32
CA ALA B 78 20.09 1.16 -4.48
C ALA B 78 19.01 1.86 -5.31
N ASP B 79 17.76 1.70 -4.89
CA ASP B 79 16.63 2.33 -5.51
C ASP B 79 16.71 3.82 -5.05
N PRO B 80 16.94 4.78 -6.01
CA PRO B 80 17.01 6.21 -5.58
C PRO B 80 15.69 6.82 -5.04
N ILE B 81 14.53 6.20 -5.34
CA ILE B 81 13.23 6.66 -4.81
C ILE B 81 13.19 6.53 -3.26
N ILE B 82 13.68 5.39 -2.75
CA ILE B 82 13.70 5.06 -1.30
C ILE B 82 15.12 5.06 -0.62
N ARG B 83 16.19 5.17 -1.44
CA ARG B 83 17.60 5.11 -0.95
C ARG B 83 17.88 3.85 -0.16
N ALA B 84 17.45 2.73 -0.74
CA ALA B 84 17.59 1.43 -0.12
C ALA B 84 17.40 0.40 -1.21
N GLN B 85 17.86 -0.81 -0.94
CA GLN B 85 17.66 -1.92 -1.87
C GLN B 85 16.25 -2.48 -1.81
N ASP B 86 15.64 -2.43 -0.62
CA ASP B 86 14.31 -3.02 -0.37
C ASP B 86 13.70 -2.28 0.83
N LEU B 87 12.46 -2.60 1.17
CA LEU B 87 11.78 -2.04 2.33
C LEU B 87 11.42 -3.14 3.32
N GLY B 88 11.61 -2.84 4.60
CA GLY B 88 11.18 -3.69 5.70
C GLY B 88 9.68 -3.58 5.95
N GLU B 89 9.18 -4.45 6.84
N GLU B 89 9.19 -4.47 6.82
CA GLU B 89 7.78 -4.46 7.24
CA GLU B 89 7.76 -4.63 7.15
C GLU B 89 7.49 -3.24 8.12
C GLU B 89 7.02 -3.34 7.59
N ASN B 90 6.58 -2.38 7.65
N ASN B 90 7.63 -2.61 8.51
CA ASN B 90 6.19 -1.18 8.39
CA ASN B 90 6.99 -1.45 9.11
C ASN B 90 7.20 0.00 8.40
C ASN B 90 7.50 -0.08 8.64
N ASP B 91 8.19 -0.02 7.47
CA ASP B 91 9.02 1.20 7.16
C ASP B 91 8.19 2.40 6.71
N LYS B 93 5.06 3.01 7.12
CA LYS B 93 4.15 3.52 8.19
C LYS B 93 4.75 4.79 8.91
N THR B 94 6.09 4.93 8.89
CA THR B 94 6.80 6.13 9.42
C THR B 94 6.90 7.32 8.43
N LEU B 95 6.28 7.22 7.23
CA LEU B 95 6.35 8.26 6.19
C LEU B 95 5.86 9.61 6.68
N SER B 96 6.66 10.65 6.43
CA SER B 96 6.34 12.04 6.79
C SER B 96 6.78 12.91 5.61
N VAL B 97 5.85 13.69 5.04
CA VAL B 97 6.15 14.58 3.91
C VAL B 97 5.90 16.02 4.36
N LYS B 98 6.83 16.93 4.05
CA LYS B 98 6.69 18.34 4.39
C LYS B 98 7.25 19.18 3.26
N HIS B 99 6.76 20.42 3.17
CA HIS B 99 7.28 21.39 2.21
C HIS B 99 8.59 21.94 2.74
N LEU B 100 9.55 22.15 1.83
CA LEU B 100 10.83 22.76 2.16
C LEU B 100 10.82 24.21 1.70
N ASN B 101 10.83 24.41 0.37
CA ASN B 101 10.94 25.74 -0.23
CA ASN B 101 10.91 25.74 -0.24
C ASN B 101 10.59 25.65 -1.72
N ASP B 102 9.96 26.71 -2.26
CA ASP B 102 9.55 26.76 -3.67
C ASP B 102 8.71 25.49 -3.99
N ASN B 103 9.08 24.67 -4.98
CA ASN B 103 8.37 23.39 -5.24
C ASN B 103 9.09 22.13 -4.71
N TRP B 104 10.05 22.32 -3.77
CA TRP B 104 10.77 21.21 -3.15
C TRP B 104 10.08 20.79 -1.85
N TYR B 105 9.96 19.47 -1.67
CA TYR B 105 9.32 18.84 -0.50
C TYR B 105 10.27 17.74 -0.01
N GLU B 106 10.22 17.44 1.29
CA GLU B 106 11.10 16.42 1.91
C GLU B 106 10.29 15.17 2.28
N VAL B 107 10.67 14.01 1.72
CA VAL B 107 10.04 12.72 2.07
C VAL B 107 10.92 12.10 3.14
N ASN B 108 10.36 11.83 4.33
CA ASN B 108 11.08 11.21 5.45
C ASN B 108 10.46 9.90 5.82
N TYR B 109 11.30 8.87 6.01
CA TYR B 109 10.85 7.58 6.54
C TYR B 109 12.05 6.86 7.17
N THR B 110 11.78 5.91 8.05
CA THR B 110 12.83 5.11 8.72
C THR B 110 12.98 3.76 8.01
N SER B 111 14.11 3.57 7.34
CA SER B 111 14.45 2.29 6.71
C SER B 111 14.82 1.28 7.80
N ALA B 112 14.35 0.03 7.63
CA ALA B 112 14.52 -1.06 8.62
C ALA B 112 14.08 -0.67 10.04
N LYS B 113 12.91 0.00 10.12
CA LYS B 113 12.34 0.52 11.37
C LYS B 113 12.22 -0.57 12.41
N GLY B 114 12.68 -0.29 13.64
CA GLY B 114 12.66 -1.24 14.72
C GLY B 114 13.91 -2.11 14.86
N SER B 115 14.62 -2.38 13.74
CA SER B 115 15.80 -3.25 13.79
C SER B 115 17.01 -2.50 14.30
N GLN B 116 18.06 -3.27 14.59
CA GLN B 116 19.36 -2.74 15.01
C GLN B 116 20.07 -1.87 13.96
N TYR B 117 19.73 -2.07 12.67
CA TYR B 117 20.30 -1.31 11.55
C TYR B 117 19.35 -0.20 11.05
N GLU B 118 18.40 0.29 11.88
CA GLU B 118 17.43 1.30 11.42
C GLU B 118 18.15 2.60 11.05
N ARG B 119 17.73 3.18 9.92
CA ARG B 119 18.37 4.34 9.31
C ARG B 119 17.30 5.35 8.85
N ALA B 120 17.40 6.59 9.33
CA ALA B 120 16.51 7.69 8.89
C ALA B 120 16.88 8.05 7.44
N VAL B 121 15.86 8.19 6.58
CA VAL B 121 16.05 8.54 5.14
C VAL B 121 15.35 9.88 4.87
N SER B 122 16.02 10.78 4.14
CA SER B 122 15.46 12.11 3.76
C SER B 122 15.73 12.36 2.29
N ILE B 123 14.66 12.43 1.49
CA ILE B 123 14.75 12.57 0.04
C ILE B 123 14.06 13.90 -0.34
N PRO B 124 14.84 14.90 -0.86
CA PRO B 124 14.17 16.09 -1.41
C PRO B 124 13.59 15.73 -2.77
N VAL B 125 12.31 16.06 -2.99
CA VAL B 125 11.62 15.80 -4.27
C VAL B 125 10.98 17.11 -4.76
N ARG B 126 11.10 17.41 -6.07
CA ARG B 126 10.56 18.64 -6.68
C ARG B 126 9.26 18.30 -7.42
N VAL B 127 8.22 19.10 -7.20
CA VAL B 127 6.88 18.90 -7.81
C VAL B 127 6.59 19.92 -8.94
N VAL B 128 5.93 19.45 -9.99
CA VAL B 128 5.48 20.29 -11.11
C VAL B 128 3.98 20.03 -11.28
N ASN B 129 3.23 21.07 -11.67
CA ASN B 129 1.81 20.96 -11.96
C ASN B 129 1.63 21.01 -13.47
N VAL B 130 1.05 19.95 -14.06
CA VAL B 130 0.77 19.86 -15.51
C VAL B 130 -0.74 19.77 -15.70
N ASP B 131 -1.37 20.91 -16.02
CA ASP B 131 -2.84 21.03 -16.24
C ASP B 131 -3.68 20.52 -15.06
N GLY B 132 -3.27 20.88 -13.85
CA GLY B 132 -3.95 20.44 -12.60
C GLY B 132 -3.44 19.16 -11.95
N GLN B 133 -2.68 18.34 -12.71
CA GLN B 133 -2.08 17.10 -12.19
CA GLN B 133 -2.06 17.09 -12.23
C GLN B 133 -0.73 17.43 -11.57
N TYR B 134 -0.50 16.94 -10.34
CA TYR B 134 0.79 17.12 -9.66
C TYR B 134 1.66 15.93 -10.01
N LEU B 135 2.90 16.20 -10.41
CA LEU B 135 3.88 15.17 -10.76
C LEU B 135 5.23 15.53 -10.11
N ILE B 136 6.00 14.51 -9.69
CA ILE B 136 7.35 14.71 -9.16
C ILE B 136 8.22 14.76 -10.42
N ASP B 137 8.98 15.85 -10.60
CA ASP B 137 9.88 16.00 -11.79
C ASP B 137 11.40 15.94 -11.51
N ASP B 138 11.78 15.82 -10.23
CA ASP B 138 13.19 15.67 -9.86
C ASP B 138 13.30 15.21 -8.41
N ILE B 139 14.32 14.39 -8.14
CA ILE B 139 14.71 14.01 -6.74
C ILE B 139 16.23 14.09 -6.60
N THR B 140 16.71 14.36 -5.38
CA THR B 140 18.17 14.39 -5.06
C THR B 140 18.99 15.33 -6.00
N PRO B 141 18.79 16.67 -5.85
CA PRO B 141 19.48 17.64 -6.73
C PRO B 141 20.99 17.75 -6.46
#